data_2ZEY
#
_entry.id   2ZEY
#
_cell.length_a   74.094
_cell.length_b   74.094
_cell.length_c   116.086
_cell.angle_alpha   90.00
_cell.angle_beta   90.00
_cell.angle_gamma   120.00
#
_symmetry.space_group_name_H-M   'P 32 2 1'
#
loop_
_entity.id
_entity.type
_entity.pdbx_description
1 polymer 'S-layer associated multidomain endoglucanase'
2 branched beta-D-mannopyranose-(1-4)-beta-D-mannopyranose-(1-4)-beta-D-mannopyranose-(1-4)-beta-D-mannopyranose-(1-4)-beta-D-mannopyranose
3 branched beta-D-mannopyranose-(1-4)-beta-D-mannopyranose-(1-4)-beta-D-mannopyranose-(1-4)-beta-D-mannopyranose-(1-4)-alpha-D-mannopyranose
4 non-polymer 'CALCIUM ION'
5 water water
#
_entity_poly.entity_id   1
_entity_poly.type   'polypeptide(L)'
_entity_poly.pdbx_seq_one_letter_code
;GHMVNMVSNPGFEDGLDSWQDWQQDMSAVPEAAHNGALGLKIGGGKAAGGGQDIPLKPNTTYILGAWAKFDSKPAGTFDV
VVQYHLKDANNTYVQHILNFNETDWTYKQLLFTTPDVFGSTPQLALWKGDTSKANLYVDDVYLVEV
;
_entity_poly.pdbx_strand_id   A,B
#
# COMPACT_ATOMS: atom_id res chain seq x y z
N HIS A 2 1.28 24.41 14.28
CA HIS A 2 2.00 23.59 15.30
C HIS A 2 1.68 23.99 16.76
N MET A 3 0.69 23.30 17.34
CA MET A 3 0.37 23.35 18.79
C MET A 3 0.47 22.00 19.52
N VAL A 4 -0.44 21.07 19.22
CA VAL A 4 -0.48 19.74 19.87
C VAL A 4 -0.09 18.62 18.91
N ASN A 5 0.81 17.75 19.37
CA ASN A 5 1.21 16.58 18.60
C ASN A 5 0.27 15.40 18.86
N MET A 6 -0.38 14.90 17.81
CA MET A 6 -1.36 13.79 17.90
C MET A 6 -0.71 12.44 18.13
N VAL A 7 0.59 12.34 17.86
CA VAL A 7 1.29 11.06 17.91
C VAL A 7 1.63 10.74 19.35
N SER A 8 1.21 9.56 19.83
CA SER A 8 1.61 9.10 21.16
C SER A 8 3.03 8.57 21.09
N ASN A 9 3.80 8.82 22.15
CA ASN A 9 5.19 8.39 22.21
C ASN A 9 5.99 8.76 20.94
N PRO A 10 5.96 10.05 20.55
CA PRO A 10 6.45 10.44 19.22
C PRO A 10 7.98 10.40 19.06
N GLY A 11 8.70 10.36 20.18
CA GLY A 11 10.15 10.39 20.13
C GLY A 11 10.71 9.06 20.57
N PHE A 12 9.82 8.09 20.76
CA PHE A 12 10.20 6.75 21.25
C PHE A 12 10.90 6.81 22.61
N GLU A 13 10.61 7.86 23.38
CA GLU A 13 11.26 7.99 24.68
C GLU A 13 10.67 7.00 25.71
N ASP A 14 9.49 6.45 25.40
CA ASP A 14 8.87 5.39 26.21
C ASP A 14 8.99 4.03 25.50
N GLY A 15 10.11 3.82 24.83
CA GLY A 15 10.36 2.57 24.12
C GLY A 15 9.37 2.39 22.99
N LEU A 16 8.79 1.19 22.89
CA LEU A 16 7.81 0.92 21.85
C LEU A 16 6.36 1.16 22.28
N ASP A 17 6.14 1.72 23.48
CA ASP A 17 4.77 2.05 23.93
C ASP A 17 3.98 2.78 22.83
N SER A 18 2.75 2.31 22.58
CA SER A 18 1.81 2.93 21.62
C SER A 18 2.12 2.64 20.16
N TRP A 19 3.21 1.93 19.89
CA TRP A 19 3.52 1.60 18.51
C TRP A 19 3.26 0.12 18.25
N GLN A 20 2.49 -0.17 17.21
CA GLN A 20 2.32 -1.54 16.74
C GLN A 20 3.60 -1.98 16.05
N ASP A 21 3.95 -3.25 16.24
CA ASP A 21 5.14 -3.84 15.68
C ASP A 21 4.71 -4.97 14.72
N TRP A 22 4.64 -4.69 13.42
CA TRP A 22 4.02 -5.65 12.49
C TRP A 22 4.90 -6.81 12.07
N GLN A 23 6.22 -6.63 12.04
CA GLN A 23 7.10 -7.70 11.58
C GLN A 23 8.15 -8.13 12.62
N GLN A 24 7.92 -7.74 13.88
CA GLN A 24 8.84 -8.02 14.99
C GLN A 24 10.26 -7.65 14.59
N ASP A 25 10.44 -6.41 14.14
CA ASP A 25 11.69 -5.95 13.57
C ASP A 25 12.02 -4.55 14.10
N MET A 26 11.45 -4.23 15.26
CA MET A 26 11.51 -2.88 15.82
C MET A 26 12.13 -2.91 17.20
N SER A 27 12.95 -1.90 17.49
CA SER A 27 13.48 -1.70 18.83
C SER A 27 13.73 -0.21 19.03
N ALA A 28 13.56 0.22 20.27
CA ALA A 28 13.84 1.59 20.63
C ALA A 28 15.18 1.59 21.34
N VAL A 29 16.19 2.22 20.75
CA VAL A 29 17.58 2.06 21.18
C VAL A 29 18.33 3.41 21.04
N PRO A 30 19.34 3.65 21.90
CA PRO A 30 20.13 4.88 21.81
C PRO A 30 20.81 5.12 20.45
N GLU A 31 21.30 4.06 19.81
CA GLU A 31 22.03 4.25 18.55
C GLU A 31 21.13 4.88 17.48
N ALA A 32 19.81 4.78 17.66
CA ALA A 32 18.84 5.30 16.66
C ALA A 32 18.28 6.68 17.03
N ALA A 33 18.78 7.25 18.12
CA ALA A 33 18.21 8.49 18.64
C ALA A 33 18.56 9.68 17.77
N HIS A 34 17.56 10.51 17.49
CA HIS A 34 17.81 11.85 16.95
C HIS A 34 17.75 12.87 18.11
N ASN A 35 16.65 12.90 18.86
CA ASN A 35 16.57 13.69 20.10
C ASN A 35 16.28 12.77 21.26
N GLY A 36 16.54 13.23 22.47
CA GLY A 36 16.30 12.42 23.67
C GLY A 36 17.24 11.23 23.73
N ALA A 37 16.85 10.23 24.50
CA ALA A 37 17.71 9.08 24.77
C ALA A 37 17.56 7.99 23.71
N LEU A 38 16.41 7.95 23.04
CA LEU A 38 16.04 6.82 22.17
C LEU A 38 15.53 7.22 20.80
N GLY A 39 15.70 6.29 19.88
CA GLY A 39 15.10 6.41 18.56
C GLY A 39 14.59 5.04 18.18
N LEU A 40 13.80 4.96 17.12
CA LEU A 40 13.31 3.68 16.59
C LEU A 40 14.26 3.14 15.54
N LYS A 41 14.67 1.88 15.73
CA LYS A 41 15.43 1.15 14.73
C LYS A 41 14.57 0.06 14.09
N ILE A 42 14.45 0.11 12.77
CA ILE A 42 13.82 -0.97 12.03
C ILE A 42 14.92 -1.74 11.28
N GLY A 43 15.09 -3.00 11.64
CA GLY A 43 16.22 -3.79 11.13
C GLY A 43 16.17 -4.06 9.64
N GLY A 44 17.31 -3.95 8.97
CA GLY A 44 17.37 -4.19 7.54
C GLY A 44 17.21 -5.67 7.21
N GLY A 45 17.17 -5.98 5.92
CA GLY A 45 17.17 -7.37 5.47
C GLY A 45 15.83 -7.83 4.97
N LYS A 46 14.78 -7.13 5.37
CA LYS A 46 13.41 -7.44 4.95
C LYS A 46 12.58 -6.18 5.08
N ALA A 47 11.47 -6.14 4.34
CA ALA A 47 10.50 -5.06 4.48
C ALA A 47 9.80 -5.17 5.84
N ALA A 48 9.69 -4.06 6.56
CA ALA A 48 9.14 -4.10 7.92
C ALA A 48 8.71 -2.71 8.37
N GLY A 49 7.82 -2.67 9.35
CA GLY A 49 7.38 -1.40 9.90
C GLY A 49 6.41 -1.55 11.05
N GLY A 50 5.76 -0.43 11.39
CA GLY A 50 4.84 -0.41 12.51
C GLY A 50 4.04 0.87 12.42
N GLY A 51 3.12 1.06 13.36
CA GLY A 51 2.26 2.22 13.29
C GLY A 51 1.34 2.42 14.46
N GLN A 52 0.42 3.37 14.27
CA GLN A 52 -0.43 3.85 15.34
C GLN A 52 -1.74 4.30 14.69
N ASP A 53 -2.88 3.88 15.26
CA ASP A 53 -4.18 4.41 14.84
C ASP A 53 -4.42 5.78 15.49
N ILE A 54 -4.73 6.78 14.68
CA ILE A 54 -4.96 8.14 15.19
C ILE A 54 -6.24 8.72 14.60
N PRO A 55 -7.34 8.73 15.38
CA PRO A 55 -8.57 9.41 14.95
C PRO A 55 -8.32 10.89 14.72
N LEU A 56 -8.75 11.39 13.57
CA LEU A 56 -8.52 12.79 13.21
C LEU A 56 -9.87 13.46 13.08
N LYS A 57 -9.90 14.79 13.18
CA LYS A 57 -11.12 15.55 12.92
C LYS A 57 -11.39 15.62 11.42
N PRO A 58 -12.67 15.57 11.01
CA PRO A 58 -12.98 15.74 9.59
C PRO A 58 -12.72 17.19 9.16
N ASN A 59 -12.60 17.42 7.85
CA ASN A 59 -12.43 18.77 7.28
C ASN A 59 -11.29 19.61 7.89
N THR A 60 -10.19 18.96 8.25
CA THR A 60 -9.16 19.59 9.06
C THR A 60 -7.79 19.39 8.42
N THR A 61 -7.01 20.47 8.42
CA THR A 61 -5.69 20.49 7.83
C THR A 61 -4.62 20.12 8.89
N TYR A 62 -3.83 19.10 8.54
CA TYR A 62 -2.73 18.61 9.38
C TYR A 62 -1.39 18.65 8.68
N ILE A 63 -0.34 18.86 9.47
CA ILE A 63 1.04 18.66 9.05
C ILE A 63 1.51 17.30 9.56
N LEU A 64 2.03 16.50 8.65
CA LEU A 64 2.75 15.27 9.00
C LEU A 64 4.27 15.51 8.84
N GLY A 65 5.05 15.18 9.85
CA GLY A 65 6.49 15.45 9.81
C GLY A 65 7.25 14.33 10.53
N ALA A 66 8.52 14.14 10.16
CA ALA A 66 9.36 13.14 10.82
C ALA A 66 10.84 13.33 10.51
N TRP A 67 11.68 12.78 11.39
CA TRP A 67 13.14 12.70 11.18
C TRP A 67 13.51 11.24 10.87
N ALA A 68 14.31 11.00 9.84
CA ALA A 68 14.79 9.63 9.55
C ALA A 68 16.18 9.59 8.90
N LYS A 69 16.81 8.42 9.01
CA LYS A 69 18.06 8.18 8.31
C LYS A 69 18.31 6.69 8.30
N PHE A 70 18.84 6.22 7.17
CA PHE A 70 19.35 4.85 7.04
C PHE A 70 20.81 4.88 7.45
N ASP A 71 21.29 3.76 8.00
CA ASP A 71 22.69 3.71 8.44
C ASP A 71 23.61 3.30 7.30
N SER A 72 23.01 3.07 6.14
CA SER A 72 23.70 2.61 4.93
C SER A 72 22.80 2.95 3.75
N LYS A 73 23.38 3.07 2.55
CA LYS A 73 22.61 3.38 1.36
C LYS A 73 21.54 2.32 1.06
N PRO A 74 20.26 2.71 1.08
CA PRO A 74 19.17 1.78 0.80
C PRO A 74 18.97 1.58 -0.70
N ALA A 75 18.25 0.53 -1.07
CA ALA A 75 17.82 0.33 -2.45
C ALA A 75 16.45 0.98 -2.64
N GLY A 76 15.60 0.85 -1.63
CA GLY A 76 14.27 1.44 -1.67
C GLY A 76 14.21 2.64 -0.75
N THR A 77 13.07 2.80 -0.08
CA THR A 77 12.84 3.96 0.75
C THR A 77 12.32 3.53 2.12
N PHE A 78 12.28 4.49 3.05
CA PHE A 78 11.47 4.38 4.24
C PHE A 78 10.35 5.42 4.16
N ASP A 79 9.13 5.01 4.45
CA ASP A 79 7.99 5.87 4.22
C ASP A 79 7.27 6.17 5.53
N VAL A 80 6.93 7.43 5.73
CA VAL A 80 5.98 7.76 6.78
C VAL A 80 4.67 8.23 6.14
N VAL A 81 3.58 7.63 6.58
CA VAL A 81 2.30 7.69 5.85
C VAL A 81 1.18 7.96 6.83
N VAL A 82 0.27 8.87 6.45
CA VAL A 82 -1.07 8.83 7.05
C VAL A 82 -2.00 8.23 6.00
N GLN A 83 -2.73 7.19 6.40
CA GLN A 83 -3.59 6.44 5.50
C GLN A 83 -4.96 6.13 6.12
N TYR A 84 -5.98 6.17 5.27
CA TYR A 84 -7.37 5.88 5.65
C TYR A 84 -8.21 5.70 4.38
N HIS A 85 -9.36 5.04 4.54
CA HIS A 85 -10.35 4.95 3.49
C HIS A 85 -11.28 6.17 3.51
N LEU A 86 -11.68 6.60 2.33
CA LEU A 86 -12.77 7.56 2.16
C LEU A 86 -14.08 6.81 2.32
N LYS A 87 -15.16 7.56 2.50
CA LYS A 87 -16.50 7.03 2.43
C LYS A 87 -17.07 7.42 1.05
N ASP A 88 -16.82 6.60 0.04
CA ASP A 88 -17.34 6.87 -1.32
C ASP A 88 -17.70 5.58 -2.04
N ALA A 89 -17.88 5.65 -3.36
CA ALA A 89 -18.42 4.52 -4.15
C ALA A 89 -17.67 3.19 -3.98
N ASN A 90 -16.36 3.27 -3.74
CA ASN A 90 -15.55 2.06 -3.56
C ASN A 90 -14.73 2.12 -2.26
N ASN A 91 -14.99 3.15 -1.44
CA ASN A 91 -14.15 3.52 -0.30
C ASN A 91 -12.68 3.59 -0.64
N THR A 92 -12.36 4.52 -1.55
CA THR A 92 -11.00 4.74 -2.01
C THR A 92 -10.03 4.75 -0.83
N TYR A 93 -8.90 4.04 -0.96
CA TYR A 93 -7.83 4.11 0.04
C TYR A 93 -6.86 5.24 -0.32
N VAL A 94 -6.59 6.14 0.62
CA VAL A 94 -5.73 7.28 0.32
C VAL A 94 -4.49 7.29 1.21
N GLN A 95 -3.36 7.70 0.65
CA GLN A 95 -2.11 7.68 1.42
C GLN A 95 -1.37 8.99 1.25
N HIS A 96 -1.07 9.65 2.36
CA HIS A 96 -0.23 10.84 2.36
C HIS A 96 1.15 10.40 2.80
N ILE A 97 2.09 10.43 1.86
CA ILE A 97 3.34 9.69 2.01
C ILE A 97 4.58 10.58 1.96
N LEU A 98 5.42 10.50 3.01
CA LEU A 98 6.80 11.05 3.00
C LEU A 98 7.75 9.90 2.70
N ASN A 99 8.60 10.05 1.68
CA ASN A 99 9.63 9.04 1.38
C ASN A 99 11.02 9.52 1.78
N PHE A 100 11.77 8.63 2.43
CA PHE A 100 13.15 8.90 2.85
C PHE A 100 14.11 7.88 2.26
N ASN A 101 15.26 8.33 1.76
CA ASN A 101 16.35 7.40 1.42
C ASN A 101 17.72 7.89 1.87
N GLU A 102 17.72 8.89 2.76
CA GLU A 102 18.94 9.58 3.16
C GLU A 102 19.74 8.85 4.26
N THR A 103 21.05 9.07 4.26
CA THR A 103 21.96 8.49 5.24
C THR A 103 22.47 9.55 6.23
N ASP A 104 21.89 10.74 6.17
CA ASP A 104 22.04 11.76 7.22
C ASP A 104 20.65 12.06 7.75
N TRP A 105 20.56 12.41 9.03
CA TRP A 105 19.29 12.78 9.66
C TRP A 105 18.59 13.85 8.84
N THR A 106 17.39 13.51 8.37
CA THR A 106 16.61 14.36 7.49
C THR A 106 15.19 14.53 8.04
N TYR A 107 14.71 15.77 8.07
CA TYR A 107 13.37 16.12 8.44
C TYR A 107 12.60 16.39 7.15
N LYS A 108 11.44 15.73 7.01
CA LYS A 108 10.53 15.99 5.88
C LYS A 108 9.13 16.17 6.43
N GLN A 109 8.28 16.86 5.68
CA GLN A 109 6.94 17.18 6.13
C GLN A 109 6.01 17.35 4.95
N LEU A 110 4.73 17.07 5.17
CA LEU A 110 3.72 17.35 4.16
C LEU A 110 2.47 17.87 4.88
N LEU A 111 1.53 18.36 4.06
CA LEU A 111 0.29 18.95 4.50
C LEU A 111 -0.84 18.16 3.85
N PHE A 112 -1.92 17.90 4.59
CA PHE A 112 -3.14 17.31 4.02
C PHE A 112 -4.34 17.80 4.80
N THR A 113 -5.50 17.76 4.13
CA THR A 113 -6.79 18.10 4.70
C THR A 113 -7.70 16.87 4.65
N THR A 114 -8.22 16.45 5.80
CA THR A 114 -9.06 15.26 5.93
C THR A 114 -10.43 15.48 5.24
N PRO A 115 -11.10 14.38 4.80
CA PRO A 115 -12.44 14.48 4.19
C PRO A 115 -13.54 14.87 5.19
N ASP A 116 -14.77 15.00 4.70
CA ASP A 116 -15.93 15.28 5.54
C ASP A 116 -16.28 14.07 6.40
N VAL A 117 -16.04 12.88 5.86
CA VAL A 117 -16.42 11.62 6.48
C VAL A 117 -15.28 10.63 6.22
N PHE A 118 -14.89 9.89 7.26
CA PHE A 118 -13.88 8.84 7.16
C PHE A 118 -14.54 7.48 6.91
N GLY A 119 -13.97 6.69 5.99
CA GLY A 119 -14.41 5.31 5.76
C GLY A 119 -13.76 4.33 6.71
N SER A 120 -12.62 4.74 7.28
CA SER A 120 -11.90 3.96 8.27
C SER A 120 -11.10 4.90 9.20
N THR A 121 -10.60 4.35 10.31
CA THR A 121 -9.77 5.13 11.23
C THR A 121 -8.36 5.36 10.67
N PRO A 122 -7.93 6.63 10.61
CA PRO A 122 -6.60 6.95 10.11
C PRO A 122 -5.49 6.26 10.90
N GLN A 123 -4.48 5.85 10.15
CA GLN A 123 -3.34 5.16 10.69
C GLN A 123 -2.06 5.91 10.24
N LEU A 124 -1.17 6.12 11.19
CA LEU A 124 0.19 6.61 10.92
C LEU A 124 1.04 5.36 10.80
N ALA A 125 1.62 5.15 9.63
CA ALA A 125 2.49 3.97 9.42
C ALA A 125 3.91 4.41 9.18
N LEU A 126 4.84 3.60 9.69
CA LEU A 126 6.27 3.81 9.51
C LEU A 126 6.69 2.56 8.77
N TRP A 127 6.91 2.69 7.47
CA TRP A 127 7.07 1.52 6.65
C TRP A 127 8.39 1.50 5.93
N LYS A 128 9.28 0.64 6.40
CA LYS A 128 10.61 0.51 5.80
C LYS A 128 10.54 -0.59 4.73
N GLY A 129 10.05 -0.22 3.54
CA GLY A 129 9.87 -1.19 2.46
C GLY A 129 11.17 -1.63 1.81
N ASP A 130 12.23 -0.86 2.02
CA ASP A 130 13.55 -1.21 1.52
C ASP A 130 13.92 -2.62 1.98
N THR A 131 14.59 -3.38 1.11
CA THR A 131 14.95 -4.76 1.43
C THR A 131 16.45 -4.99 1.40
N SER A 132 17.22 -3.91 1.45
CA SER A 132 18.68 -4.02 1.56
C SER A 132 19.08 -4.34 3.00
N LYS A 133 20.38 -4.43 3.28
CA LYS A 133 20.85 -4.64 4.64
C LYS A 133 20.77 -3.40 5.53
N ALA A 134 20.48 -2.24 4.92
CA ALA A 134 20.45 -0.96 5.64
C ALA A 134 19.43 -0.97 6.76
N ASN A 135 19.85 -0.59 7.96
CA ASN A 135 18.96 -0.39 9.10
C ASN A 135 18.39 1.01 9.03
N LEU A 136 17.15 1.17 9.45
CA LEU A 136 16.48 2.47 9.41
C LEU A 136 16.28 3.04 10.80
N TYR A 137 16.68 4.30 10.98
CA TYR A 137 16.40 5.04 12.21
C TYR A 137 15.33 6.11 11.93
N VAL A 138 14.37 6.21 12.83
CA VAL A 138 13.35 7.27 12.76
C VAL A 138 13.06 7.77 14.17
N ASP A 139 12.76 9.06 14.29
CA ASP A 139 12.55 9.66 15.60
C ASP A 139 11.71 10.91 15.40
N ASP A 140 11.14 11.40 16.48
CA ASP A 140 10.49 12.72 16.46
C ASP A 140 9.46 12.87 15.33
N VAL A 141 8.43 12.04 15.40
CA VAL A 141 7.32 12.05 14.43
C VAL A 141 6.25 13.06 14.87
N TYR A 142 5.69 13.81 13.91
CA TYR A 142 4.75 14.90 14.20
C TYR A 142 3.47 14.70 13.38
N LEU A 143 2.31 14.88 14.02
CA LEU A 143 1.03 15.01 13.30
C LEU A 143 0.28 16.06 14.05
N VAL A 144 0.14 17.24 13.44
CA VAL A 144 -0.41 18.40 14.16
C VAL A 144 -1.42 19.19 13.35
N GLU A 145 -2.52 19.53 14.01
CA GLU A 145 -3.57 20.33 13.42
C GLU A 145 -3.11 21.79 13.36
N VAL A 146 -3.30 22.44 12.21
CA VAL A 146 -2.88 23.83 12.03
C VAL A 146 -4.04 24.77 11.72
N MET B 3 -18.39 -2.79 -25.67
CA MET B 3 -17.69 -2.30 -24.44
C MET B 3 -16.29 -2.87 -24.41
N VAL B 4 -15.33 -1.98 -24.25
CA VAL B 4 -13.94 -2.34 -24.31
C VAL B 4 -13.43 -2.69 -22.90
N ASN B 5 -12.90 -3.90 -22.78
CA ASN B 5 -12.12 -4.25 -21.62
C ASN B 5 -10.73 -3.68 -21.86
N MET B 6 -10.31 -2.78 -20.98
CA MET B 6 -9.05 -2.06 -21.16
C MET B 6 -7.83 -2.88 -20.76
N VAL B 7 -8.07 -4.03 -20.14
CA VAL B 7 -6.99 -4.88 -19.64
C VAL B 7 -6.48 -5.72 -20.80
N SER B 8 -5.16 -5.75 -20.97
CA SER B 8 -4.53 -6.56 -21.99
C SER B 8 -4.37 -8.00 -21.49
N ASN B 9 -4.63 -8.97 -22.38
CA ASN B 9 -4.57 -10.39 -22.02
C ASN B 9 -5.28 -10.66 -20.68
N PRO B 10 -6.60 -10.35 -20.61
CA PRO B 10 -7.28 -10.27 -19.32
C PRO B 10 -7.63 -11.64 -18.75
N GLY B 11 -7.57 -12.67 -19.58
CA GLY B 11 -7.87 -14.04 -19.18
C GLY B 11 -6.66 -14.93 -19.29
N PHE B 12 -5.47 -14.31 -19.37
CA PHE B 12 -4.21 -15.06 -19.43
C PHE B 12 -4.23 -16.15 -20.49
N GLU B 13 -5.05 -15.96 -21.52
CA GLU B 13 -5.11 -16.89 -22.65
C GLU B 13 -3.87 -16.76 -23.53
N ASP B 14 -3.17 -15.63 -23.44
CA ASP B 14 -1.89 -15.46 -24.11
C ASP B 14 -0.72 -15.56 -23.13
N GLY B 15 -0.84 -16.47 -22.16
CA GLY B 15 0.19 -16.68 -21.14
C GLY B 15 0.32 -15.49 -20.18
N LEU B 16 1.57 -15.05 -20.00
CA LEU B 16 1.88 -13.94 -19.11
C LEU B 16 2.13 -12.64 -19.90
N ASP B 17 1.83 -12.66 -21.19
CA ASP B 17 1.99 -11.50 -22.06
C ASP B 17 1.22 -10.31 -21.49
N SER B 18 1.87 -9.14 -21.49
CA SER B 18 1.30 -7.88 -20.99
C SER B 18 1.26 -7.74 -19.47
N TRP B 19 1.59 -8.80 -18.73
CA TRP B 19 1.60 -8.75 -17.27
C TRP B 19 3.02 -8.66 -16.72
N GLN B 20 3.26 -7.69 -15.83
CA GLN B 20 4.50 -7.67 -15.05
C GLN B 20 4.46 -8.77 -13.97
N ASP B 21 5.64 -9.33 -13.67
CA ASP B 21 5.77 -10.44 -12.72
C ASP B 21 6.82 -10.00 -11.69
N TRP B 22 6.36 -9.34 -10.62
CA TRP B 22 7.26 -8.59 -9.73
C TRP B 22 8.13 -9.44 -8.81
N GLN B 23 7.74 -10.69 -8.60
CA GLN B 23 8.45 -11.59 -7.67
C GLN B 23 8.74 -12.98 -8.27
N GLN B 24 8.61 -13.09 -9.60
CA GLN B 24 8.76 -14.36 -10.33
C GLN B 24 7.90 -15.49 -9.77
N ASP B 25 6.78 -15.10 -9.16
CA ASP B 25 5.91 -16.03 -8.47
C ASP B 25 4.60 -16.24 -9.24
N MET B 26 4.69 -16.12 -10.57
CA MET B 26 3.55 -16.21 -11.47
C MET B 26 3.77 -17.22 -12.58
N SER B 27 2.66 -18.00 -12.89
CA SER B 27 2.61 -18.78 -14.12
C SER B 27 1.15 -18.89 -14.56
N ALA B 28 0.93 -19.04 -15.87
CA ALA B 28 -0.43 -19.20 -16.43
C ALA B 28 -0.74 -20.68 -16.62
N VAL B 29 -1.47 -21.26 -15.67
CA VAL B 29 -1.70 -22.71 -15.62
C VAL B 29 -3.19 -23.08 -15.69
N PRO B 30 -3.52 -24.27 -16.26
CA PRO B 30 -4.93 -24.65 -16.48
C PRO B 30 -5.68 -24.87 -15.16
N GLU B 31 -4.94 -25.15 -14.10
CA GLU B 31 -5.50 -25.34 -12.76
C GLU B 31 -6.10 -24.06 -12.19
N ALA B 32 -5.61 -22.91 -12.68
CA ALA B 32 -6.04 -21.61 -12.22
C ALA B 32 -7.10 -20.99 -13.15
N ALA B 33 -7.54 -21.75 -14.15
CA ALA B 33 -8.48 -21.25 -15.16
C ALA B 33 -9.90 -21.17 -14.63
N HIS B 34 -10.53 -20.01 -14.82
CA HIS B 34 -11.98 -19.87 -14.60
C HIS B 34 -12.74 -19.94 -15.92
N ASN B 35 -12.16 -19.35 -16.96
CA ASN B 35 -12.68 -19.40 -18.32
C ASN B 35 -11.51 -19.66 -19.24
N GLY B 36 -11.79 -20.13 -20.45
CA GLY B 36 -10.74 -20.46 -21.40
C GLY B 36 -9.84 -21.58 -20.91
N ALA B 37 -8.63 -21.63 -21.47
CA ALA B 37 -7.69 -22.73 -21.19
C ALA B 37 -6.75 -22.45 -20.01
N LEU B 38 -6.50 -21.17 -19.72
CA LEU B 38 -5.53 -20.81 -18.68
C LEU B 38 -6.05 -19.77 -17.69
N GLY B 39 -5.48 -19.77 -16.49
CA GLY B 39 -5.69 -18.71 -15.52
C GLY B 39 -4.36 -18.36 -14.87
N LEU B 40 -4.35 -17.33 -14.03
CA LEU B 40 -3.11 -16.95 -13.35
C LEU B 40 -2.95 -17.58 -11.97
N LYS B 41 -1.83 -18.28 -11.78
CA LYS B 41 -1.47 -18.79 -10.47
C LYS B 41 -0.35 -17.97 -9.86
N ILE B 42 -0.64 -17.39 -8.70
CA ILE B 42 0.35 -16.76 -7.85
C ILE B 42 0.69 -17.72 -6.70
N GLY B 43 1.95 -18.11 -6.63
CA GLY B 43 2.39 -19.17 -5.72
C GLY B 43 2.40 -18.81 -4.25
N GLY B 44 1.89 -19.73 -3.42
CA GLY B 44 1.89 -19.54 -1.97
C GLY B 44 3.28 -19.56 -1.36
N GLY B 45 3.36 -18.97 -0.14
CA GLY B 45 4.59 -19.02 0.64
C GLY B 45 5.22 -17.68 0.95
N LYS B 46 4.90 -16.68 0.14
CA LYS B 46 5.36 -15.30 0.35
C LYS B 46 4.41 -14.35 -0.37
N ALA B 47 4.39 -13.09 0.07
CA ALA B 47 3.63 -12.06 -0.60
C ALA B 47 4.22 -11.80 -1.99
N ALA B 48 3.35 -11.69 -2.99
CA ALA B 48 3.78 -11.62 -4.39
C ALA B 48 2.62 -11.26 -5.33
N GLY B 49 2.96 -10.68 -6.49
CA GLY B 49 1.96 -10.39 -7.51
C GLY B 49 2.52 -9.78 -8.78
N GLY B 50 1.69 -8.99 -9.45
CA GLY B 50 2.06 -8.35 -10.71
C GLY B 50 0.97 -7.41 -11.17
N GLY B 51 1.10 -6.92 -12.40
CA GLY B 51 0.08 -6.03 -12.92
C GLY B 51 0.43 -5.40 -14.25
N GLN B 52 -0.32 -4.38 -14.64
CA GLN B 52 -0.03 -3.67 -15.88
C GLN B 52 -0.42 -2.20 -15.79
N ASP B 53 0.30 -1.38 -16.57
CA ASP B 53 0.01 0.03 -16.64
C ASP B 53 -1.16 0.21 -17.61
N ILE B 54 -2.18 0.93 -17.17
CA ILE B 54 -3.35 1.18 -18.01
C ILE B 54 -3.70 2.66 -17.96
N PRO B 55 -3.24 3.44 -18.96
CA PRO B 55 -3.66 4.84 -19.10
C PRO B 55 -5.19 4.97 -19.09
N LEU B 56 -5.69 5.90 -18.27
CA LEU B 56 -7.13 6.16 -18.18
C LEU B 56 -7.46 7.61 -18.53
N LYS B 57 -8.73 7.87 -18.85
CA LYS B 57 -9.23 9.25 -18.97
C LYS B 57 -9.55 9.88 -17.60
N PRO B 58 -9.34 11.22 -17.49
CA PRO B 58 -9.70 11.88 -16.25
C PRO B 58 -11.22 12.08 -16.17
N ASN B 59 -11.73 12.34 -14.97
CA ASN B 59 -13.15 12.59 -14.73
C ASN B 59 -14.06 11.56 -15.37
N THR B 60 -13.67 10.29 -15.28
CA THR B 60 -14.34 9.24 -16.02
C THR B 60 -14.60 8.08 -15.10
N THR B 61 -15.81 7.51 -15.23
CA THR B 61 -16.26 6.45 -14.34
C THR B 61 -15.93 5.09 -14.96
N TYR B 62 -15.26 4.26 -14.16
CA TYR B 62 -14.83 2.93 -14.57
C TYR B 62 -15.31 1.87 -13.60
N ILE B 63 -15.37 0.65 -14.13
CA ILE B 63 -15.65 -0.57 -13.40
C ILE B 63 -14.36 -1.39 -13.32
N LEU B 64 -14.08 -1.99 -12.16
CA LEU B 64 -12.99 -2.94 -11.99
C LEU B 64 -13.56 -4.26 -11.48
N GLY B 65 -13.27 -5.37 -12.17
CA GLY B 65 -13.80 -6.68 -11.75
C GLY B 65 -12.84 -7.83 -12.00
N ALA B 66 -12.99 -8.91 -11.24
CA ALA B 66 -12.17 -10.11 -11.41
C ALA B 66 -12.79 -11.33 -10.72
N TRP B 67 -12.43 -12.50 -11.24
CA TRP B 67 -12.67 -13.78 -10.60
C TRP B 67 -11.42 -14.24 -9.84
N ALA B 68 -11.62 -14.74 -8.62
CA ALA B 68 -10.49 -15.20 -7.81
C ALA B 68 -10.87 -16.26 -6.78
N LYS B 69 -9.91 -17.13 -6.48
CA LYS B 69 -10.04 -18.13 -5.44
C LYS B 69 -8.67 -18.65 -5.03
N PHE B 70 -8.50 -18.87 -3.73
CA PHE B 70 -7.34 -19.58 -3.20
C PHE B 70 -7.60 -21.08 -3.31
N ASP B 71 -6.55 -21.90 -3.21
CA ASP B 71 -6.71 -23.36 -3.21
C ASP B 71 -6.75 -23.95 -1.80
N SER B 72 -6.51 -23.10 -0.81
CA SER B 72 -6.75 -23.40 0.61
C SER B 72 -6.96 -22.09 1.39
N LYS B 73 -7.47 -22.20 2.61
CA LYS B 73 -7.86 -21.05 3.42
C LYS B 73 -6.68 -20.12 3.69
N PRO B 74 -6.75 -18.88 3.20
CA PRO B 74 -5.66 -17.94 3.40
C PRO B 74 -5.65 -17.36 4.81
N ALA B 75 -4.52 -16.78 5.19
CA ALA B 75 -4.42 -15.98 6.40
C ALA B 75 -4.77 -14.54 6.03
N GLY B 76 -4.22 -14.06 4.92
CA GLY B 76 -4.49 -12.71 4.43
C GLY B 76 -5.50 -12.69 3.29
N THR B 77 -5.33 -11.73 2.38
CA THR B 77 -6.22 -11.55 1.22
C THR B 77 -5.45 -11.55 -0.10
N PHE B 78 -6.19 -11.62 -1.21
CA PHE B 78 -5.64 -11.29 -2.52
C PHE B 78 -6.40 -10.07 -2.99
N ASP B 79 -5.67 -9.05 -3.44
CA ASP B 79 -6.29 -7.80 -3.81
C ASP B 79 -6.09 -7.50 -5.28
N VAL B 80 -7.16 -7.06 -5.92
CA VAL B 80 -7.07 -6.46 -7.22
C VAL B 80 -7.38 -4.96 -7.11
N VAL B 81 -6.48 -4.16 -7.66
CA VAL B 81 -6.38 -2.76 -7.33
C VAL B 81 -6.16 -1.94 -8.58
N VAL B 82 -6.86 -0.82 -8.72
CA VAL B 82 -6.38 0.25 -9.61
C VAL B 82 -5.77 1.36 -8.73
N GLN B 83 -4.53 1.73 -9.02
CA GLN B 83 -3.82 2.74 -8.23
C GLN B 83 -3.15 3.80 -9.09
N TYR B 84 -3.08 5.02 -8.54
CA TYR B 84 -2.39 6.13 -9.19
C TYR B 84 -2.16 7.25 -8.18
N HIS B 85 -1.30 8.19 -8.55
CA HIS B 85 -1.08 9.40 -7.77
C HIS B 85 -2.00 10.52 -8.26
N LEU B 86 -2.44 11.35 -7.32
CA LEU B 86 -3.05 12.64 -7.69
C LEU B 86 -1.93 13.59 -8.13
N LYS B 87 -2.28 14.62 -8.88
CA LYS B 87 -1.31 15.58 -9.36
C LYS B 87 -1.37 16.79 -8.44
N ASP B 88 -0.97 16.59 -7.18
CA ASP B 88 -0.87 17.66 -6.19
C ASP B 88 0.53 17.67 -5.59
N ALA B 89 0.78 18.63 -4.71
CA ALA B 89 2.09 18.82 -4.08
C ALA B 89 2.64 17.56 -3.39
N ASN B 90 1.79 16.80 -2.72
CA ASN B 90 2.22 15.58 -2.06
C ASN B 90 2.19 14.37 -2.97
N ASN B 91 1.67 14.58 -4.19
CA ASN B 91 1.36 13.48 -5.09
C ASN B 91 0.69 12.30 -4.36
N THR B 92 -0.43 12.62 -3.73
CA THR B 92 -1.23 11.70 -2.92
C THR B 92 -1.50 10.40 -3.68
N TYR B 93 -1.34 9.28 -3.00
CA TYR B 93 -1.56 7.97 -3.62
C TYR B 93 -2.94 7.45 -3.30
N VAL B 94 -3.68 7.08 -4.33
CA VAL B 94 -5.02 6.56 -4.14
C VAL B 94 -5.16 5.15 -4.74
N GLN B 95 -5.97 4.34 -4.07
CA GLN B 95 -6.16 2.94 -4.44
C GLN B 95 -7.62 2.55 -4.41
N HIS B 96 -8.08 1.93 -5.49
CA HIS B 96 -9.41 1.38 -5.56
C HIS B 96 -9.29 -0.15 -5.47
N ILE B 97 -9.73 -0.72 -4.36
CA ILE B 97 -9.35 -2.09 -3.97
C ILE B 97 -10.52 -3.09 -3.84
N LEU B 98 -10.38 -4.23 -4.53
CA LEU B 98 -11.18 -5.43 -4.27
C LEU B 98 -10.37 -6.41 -3.43
N ASN B 99 -10.97 -6.93 -2.36
CA ASN B 99 -10.31 -7.94 -1.49
C ASN B 99 -10.97 -9.32 -1.63
N PHE B 100 -10.15 -10.35 -1.81
CA PHE B 100 -10.60 -11.75 -1.90
C PHE B 100 -9.94 -12.60 -0.84
N ASN B 101 -10.73 -13.45 -0.18
CA ASN B 101 -10.16 -14.47 0.68
C ASN B 101 -10.87 -15.81 0.50
N GLU B 102 -11.75 -15.89 -0.50
CA GLU B 102 -12.59 -17.08 -0.69
C GLU B 102 -11.86 -18.27 -1.32
N THR B 103 -12.37 -19.48 -1.04
CA THR B 103 -11.78 -20.71 -1.57
C THR B 103 -12.62 -21.33 -2.71
N ASP B 104 -13.73 -20.67 -3.07
CA ASP B 104 -14.49 -21.02 -4.28
C ASP B 104 -14.37 -19.82 -5.23
N TRP B 105 -14.44 -20.09 -6.54
CA TRP B 105 -14.44 -19.04 -7.56
C TRP B 105 -15.46 -17.93 -7.27
N THR B 106 -14.95 -16.73 -7.00
CA THR B 106 -15.77 -15.59 -6.58
C THR B 106 -15.52 -14.38 -7.48
N TYR B 107 -16.60 -13.81 -8.00
CA TYR B 107 -16.53 -12.57 -8.77
C TYR B 107 -16.81 -11.38 -7.87
N LYS B 108 -15.96 -10.36 -7.95
CA LYS B 108 -16.18 -9.09 -7.25
C LYS B 108 -15.92 -7.95 -8.21
N GLN B 109 -16.58 -6.82 -7.98
CA GLN B 109 -16.51 -5.68 -8.89
C GLN B 109 -16.73 -4.38 -8.11
N LEU B 110 -16.01 -3.34 -8.50
CA LEU B 110 -16.18 -2.03 -7.87
C LEU B 110 -16.33 -0.97 -8.94
N LEU B 111 -16.72 0.23 -8.54
CA LEU B 111 -16.71 1.38 -9.43
C LEU B 111 -15.89 2.54 -8.84
N PHE B 112 -15.28 3.32 -9.72
CA PHE B 112 -14.57 4.53 -9.32
C PHE B 112 -14.59 5.58 -10.40
N THR B 113 -14.40 6.83 -9.98
CA THR B 113 -14.29 7.93 -10.90
C THR B 113 -12.89 8.57 -10.78
N THR B 114 -12.22 8.72 -11.92
CA THR B 114 -10.87 9.28 -11.94
C THR B 114 -10.88 10.78 -11.65
N PRO B 115 -9.76 11.33 -11.13
CA PRO B 115 -9.69 12.75 -10.80
C PRO B 115 -9.57 13.59 -12.05
N ASP B 116 -9.52 14.92 -11.91
CA ASP B 116 -9.41 15.81 -13.04
C ASP B 116 -8.06 15.76 -13.76
N VAL B 117 -7.02 15.28 -13.06
CA VAL B 117 -5.64 15.16 -13.59
C VAL B 117 -4.99 13.98 -12.88
N PHE B 118 -4.08 13.29 -13.56
CA PHE B 118 -3.30 12.19 -13.00
C PHE B 118 -1.88 12.65 -12.64
N GLY B 119 -1.34 12.19 -11.52
CA GLY B 119 0.07 12.47 -11.18
C GLY B 119 1.01 11.40 -11.72
N SER B 120 0.44 10.24 -12.06
CA SER B 120 1.20 9.09 -12.56
C SER B 120 0.24 8.18 -13.33
N THR B 121 0.77 7.34 -14.22
CA THR B 121 -0.04 6.41 -15.02
C THR B 121 -0.77 5.41 -14.12
N PRO B 122 -2.11 5.34 -14.21
CA PRO B 122 -2.81 4.30 -13.45
C PRO B 122 -2.26 2.89 -13.70
N GLN B 123 -2.29 2.07 -12.66
CA GLN B 123 -1.74 0.73 -12.69
C GLN B 123 -2.76 -0.19 -12.07
N LEU B 124 -2.91 -1.34 -12.71
CA LEU B 124 -3.77 -2.38 -12.19
C LEU B 124 -2.84 -3.38 -11.51
N ALA B 125 -3.02 -3.57 -10.20
CA ALA B 125 -2.19 -4.51 -9.46
C ALA B 125 -2.97 -5.75 -9.06
N LEU B 126 -2.37 -6.91 -9.29
CA LEU B 126 -2.85 -8.17 -8.74
C LEU B 126 -1.91 -8.51 -7.60
N TRP B 127 -2.38 -8.32 -6.37
CA TRP B 127 -1.47 -8.41 -5.24
C TRP B 127 -1.87 -9.43 -4.16
N LYS B 128 -1.13 -10.53 -4.12
CA LYS B 128 -1.37 -11.58 -3.14
C LYS B 128 -0.52 -11.33 -1.90
N GLY B 129 -1.04 -10.47 -1.03
CA GLY B 129 -0.41 -10.14 0.25
C GLY B 129 -0.37 -11.29 1.25
N ASP B 130 -1.32 -12.23 1.13
CA ASP B 130 -1.34 -13.44 1.98
C ASP B 130 0.04 -14.10 1.99
N THR B 131 0.48 -14.53 3.18
CA THR B 131 1.81 -15.12 3.33
C THR B 131 1.75 -16.58 3.74
N SER B 132 0.55 -17.16 3.75
CA SER B 132 0.43 -18.60 4.02
C SER B 132 0.74 -19.38 2.74
N LYS B 133 0.71 -20.70 2.81
CA LYS B 133 1.10 -21.53 1.68
C LYS B 133 0.03 -21.67 0.59
N ALA B 134 -1.11 -21.00 0.78
CA ALA B 134 -2.24 -21.05 -0.15
C ALA B 134 -1.88 -20.44 -1.51
N ASN B 135 -2.15 -21.17 -2.58
CA ASN B 135 -1.97 -20.65 -3.93
C ASN B 135 -3.17 -19.80 -4.32
N LEU B 136 -2.93 -18.76 -5.10
CA LEU B 136 -4.01 -17.89 -5.53
C LEU B 136 -4.24 -18.04 -7.02
N TYR B 137 -5.50 -18.28 -7.38
CA TYR B 137 -5.92 -18.31 -8.77
C TYR B 137 -6.69 -17.03 -9.07
N VAL B 138 -6.39 -16.42 -10.21
CA VAL B 138 -7.12 -15.24 -10.68
C VAL B 138 -7.27 -15.32 -12.21
N ASP B 139 -8.44 -14.88 -12.69
CA ASP B 139 -8.78 -14.96 -14.10
C ASP B 139 -9.83 -13.92 -14.44
N ASP B 140 -9.93 -13.59 -15.73
CA ASP B 140 -11.00 -12.74 -16.25
C ASP B 140 -11.11 -11.39 -15.55
N VAL B 141 -10.03 -10.60 -15.63
CA VAL B 141 -9.98 -9.26 -15.06
C VAL B 141 -10.65 -8.24 -15.99
N TYR B 142 -11.42 -7.33 -15.43
CA TYR B 142 -12.13 -6.34 -16.22
C TYR B 142 -11.83 -4.93 -15.72
N LEU B 143 -11.61 -4.04 -16.66
CA LEU B 143 -11.54 -2.61 -16.38
C LEU B 143 -12.25 -1.98 -17.55
N VAL B 144 -13.44 -1.47 -17.29
CA VAL B 144 -14.23 -0.92 -18.38
C VAL B 144 -14.88 0.44 -18.06
N GLU B 145 -14.83 1.34 -19.03
CA GLU B 145 -15.52 2.62 -18.97
C GLU B 145 -17.06 2.47 -19.09
N VAL B 146 -17.82 3.04 -18.13
CA VAL B 146 -19.29 2.96 -18.14
C VAL B 146 -20.00 4.30 -18.35
#